data_2P3O
#
_entry.id   2P3O
#
_cell.length_a   111.560
_cell.length_b   111.560
_cell.length_c   56.330
_cell.angle_alpha   90.00
_cell.angle_beta   90.00
_cell.angle_gamma   120.00
#
_symmetry.space_group_name_H-M   'P 31 2 1'
#
loop_
_entity.id
_entity.type
_entity.pdbx_description
1 polymer 'type II methyltransferase'
2 non-polymer 'SULFATE ION'
3 non-polymer S-ADENOSYL-L-HOMOCYSTEINE
4 non-polymer 'CITRIC ACID'
5 non-polymer "P1-7-METHYLGUANOSINE-P3-ADENOSINE-5',5'-TRIPHOSPHATE"
6 water water
#
_entity_poly.entity_id   1
_entity_poly.type   'polypeptide(L)'
_entity_poly.pdbx_seq_one_letter_code
;MRGSHHHHHHGSNIGETLGEKWKSRLNALGKSEFQIYKKSGIQEVDRTLAKEGIKRGETDHHAVSRGSAKLRWFVERNLV
TPEGKVVDLGCGRGGWSYYCGGLKNVREVKGLTKGGPGHEEPIPMSTYGWNLVRLQSGVDVFFIPPERCDTLLCDIGESS
PNPTVEAGRTLRVLNLVENWLSNNTQFCVKVLNPYMSSVIEKMEALQRKHGGALVRNPLSRNSTHEMYWVSNASGNIVSS
VNMISRMLINRFTMRHKKATYEPDVDLGSGTRNIGIESETPNLDIIGKRIEKIKQEHETSWHYDQ
;
_entity_poly.pdbx_strand_id   A
#
loop_
_chem_comp.id
_chem_comp.type
_chem_comp.name
_chem_comp.formula
CIT non-polymer 'CITRIC ACID' 'C6 H8 O7'
GTA non-polymer P1-7-METHYLGUANOSINE-P3-ADENOSINE-5',5'-TRIPHOSPHATE 'C21 H30 N10 O17 P3 1'
SO4 non-polymer 'SULFATE ION' 'O4 S -2'
#
# COMPACT_ATOMS: atom_id res chain seq x y z
N GLU A 16 10.09 -19.62 16.56
CA GLU A 16 9.52 -19.27 15.23
C GLU A 16 8.10 -18.71 15.35
N THR A 17 7.78 -17.68 14.58
CA THR A 17 6.43 -17.12 14.59
C THR A 17 5.50 -17.88 13.62
N LEU A 18 4.22 -17.60 13.75
CA LEU A 18 3.18 -18.18 12.92
C LEU A 18 3.28 -17.74 11.45
N GLY A 19 3.65 -16.47 11.24
CA GLY A 19 3.95 -15.95 9.92
C GLY A 19 5.00 -16.75 9.18
N GLU A 20 6.06 -17.14 9.90
CA GLU A 20 7.15 -17.96 9.32
C GLU A 20 6.69 -19.36 8.90
N LYS A 21 5.89 -20.03 9.73
CA LYS A 21 5.28 -21.31 9.38
C LYS A 21 4.52 -21.15 8.05
N TRP A 22 3.70 -20.11 8.00
CA TRP A 22 2.95 -19.76 6.81
C TRP A 22 3.84 -19.60 5.56
N LYS A 23 4.95 -18.86 5.71
CA LYS A 23 5.82 -18.55 4.58
C LYS A 23 6.51 -19.78 3.99
N SER A 24 6.84 -20.76 4.82
CA SER A 24 7.43 -21.99 4.30
C SER A 24 6.40 -22.78 3.56
N ARG A 25 5.16 -22.73 4.05
CA ARG A 25 4.12 -23.60 3.56
C ARG A 25 3.79 -23.05 2.18
N LEU A 26 3.83 -21.72 2.07
CA LEU A 26 3.63 -21.04 0.78
C LEU A 26 4.70 -21.43 -0.24
N ASN A 27 5.96 -21.26 0.13
CA ASN A 27 7.07 -21.66 -0.73
C ASN A 27 7.06 -23.11 -1.16
N ALA A 28 6.44 -24.00 -0.39
CA ALA A 28 6.39 -25.42 -0.74
C ALA A 28 5.36 -25.74 -1.84
N LEU A 29 4.50 -24.79 -2.18
CA LEU A 29 3.40 -25.06 -3.09
C LEU A 29 3.88 -25.30 -4.51
N GLY A 30 3.17 -26.14 -5.26
CA GLY A 30 3.45 -26.29 -6.69
C GLY A 30 3.04 -25.07 -7.48
N LYS A 31 3.43 -25.01 -8.75
CA LYS A 31 3.16 -23.83 -9.59
C LYS A 31 1.67 -23.55 -9.77
N SER A 32 0.86 -24.59 -10.00
CA SER A 32 -0.58 -24.35 -10.24
C SER A 32 -1.28 -23.98 -8.96
N GLU A 33 -0.95 -24.68 -7.87
CA GLU A 33 -1.56 -24.43 -6.55
C GLU A 33 -1.25 -23.02 -6.09
N PHE A 34 -0.04 -22.57 -6.39
CA PHE A 34 0.35 -21.22 -6.07
C PHE A 34 -0.61 -20.25 -6.70
N GLN A 35 -0.83 -20.37 -8.02
CA GLN A 35 -1.70 -19.44 -8.75
C GLN A 35 -3.17 -19.51 -8.32
N ILE A 36 -3.64 -20.69 -7.90
CA ILE A 36 -5.01 -20.81 -7.37
C ILE A 36 -5.15 -20.23 -5.95
N TYR A 37 -4.17 -20.47 -5.08
CA TYR A 37 -4.22 -19.97 -3.72
C TYR A 37 -4.18 -18.45 -3.70
N LYS A 38 -3.31 -17.88 -4.53
CA LYS A 38 -3.01 -16.46 -4.58
C LYS A 38 -4.25 -15.58 -4.61
N LYS A 39 -5.31 -16.04 -5.26
CA LYS A 39 -6.51 -15.24 -5.43
C LYS A 39 -7.73 -15.86 -4.76
N SER A 40 -7.53 -16.93 -3.97
CA SER A 40 -8.65 -17.61 -3.35
C SER A 40 -9.40 -16.77 -2.34
N GLY A 41 -10.62 -16.37 -2.72
CA GLY A 41 -11.54 -15.70 -1.79
C GLY A 41 -11.13 -14.28 -1.46
N ILE A 42 -10.20 -13.73 -2.23
CA ILE A 42 -9.80 -12.34 -2.02
C ILE A 42 -10.79 -11.42 -2.72
N GLN A 43 -10.50 -10.13 -2.72
CA GLN A 43 -11.30 -9.14 -3.43
C GLN A 43 -10.55 -8.54 -4.63
N GLU A 44 -11.23 -8.35 -5.75
CA GLU A 44 -10.60 -7.85 -6.97
C GLU A 44 -11.34 -6.66 -7.54
N VAL A 45 -10.66 -5.94 -8.42
CA VAL A 45 -11.14 -4.70 -8.98
C VAL A 45 -11.40 -4.94 -10.47
N ASP A 46 -12.58 -4.59 -10.93
CA ASP A 46 -12.92 -4.69 -12.35
C ASP A 46 -12.10 -3.65 -13.14
N ARG A 47 -11.01 -4.06 -13.78
CA ARG A 47 -10.12 -3.11 -14.42
C ARG A 47 -10.08 -3.01 -15.96
N THR A 48 -10.67 -4.01 -16.60
CA THR A 48 -10.67 -4.15 -18.04
C THR A 48 -10.90 -2.85 -18.85
N LEU A 49 -12.00 -2.15 -18.60
CA LEU A 49 -12.30 -0.95 -19.37
C LEU A 49 -11.34 0.22 -19.05
N ALA A 50 -10.94 0.35 -17.79
CA ALA A 50 -9.98 1.38 -17.38
C ALA A 50 -8.65 1.16 -18.06
N LYS A 51 -8.29 -0.09 -18.27
CA LYS A 51 -7.00 -0.34 -18.89
C LYS A 51 -7.09 -0.02 -20.37
N GLU A 52 -8.10 -0.59 -21.03
CA GLU A 52 -8.35 -0.28 -22.44
C GLU A 52 -8.42 1.22 -22.73
N GLY A 53 -9.01 1.97 -21.80
CA GLY A 53 -9.12 3.42 -21.91
C GLY A 53 -7.75 4.08 -21.94
N ILE A 54 -6.94 3.76 -20.93
CA ILE A 54 -5.57 4.25 -20.85
C ILE A 54 -4.68 3.84 -22.05
N LYS A 55 -4.91 2.65 -22.60
CA LYS A 55 -4.09 2.14 -23.69
C LYS A 55 -4.41 2.86 -25.00
N ARG A 56 -5.54 3.57 -25.02
CA ARG A 56 -5.69 4.77 -25.84
C ARG A 56 -5.55 6.04 -25.00
N GLY A 57 -5.66 7.18 -25.66
CA GLY A 57 -5.08 8.42 -25.16
C GLY A 57 -5.69 8.83 -23.83
N GLU A 58 -6.68 8.08 -23.37
CA GLU A 58 -7.65 8.58 -22.36
C GLU A 58 -7.07 8.95 -21.00
N THR A 59 -7.48 10.09 -20.46
CA THR A 59 -6.72 10.75 -19.40
C THR A 59 -7.64 11.27 -18.30
N ASP A 60 -8.92 10.92 -18.40
CA ASP A 60 -9.97 11.65 -17.69
C ASP A 60 -10.32 10.97 -16.37
N HIS A 61 -10.70 9.70 -16.45
CA HIS A 61 -11.62 9.11 -15.50
C HIS A 61 -10.98 7.97 -14.72
N HIS A 62 -9.88 7.44 -15.26
CA HIS A 62 -9.38 6.13 -14.86
C HIS A 62 -8.32 6.25 -13.77
N ALA A 63 -8.28 5.25 -12.89
CA ALA A 63 -7.12 5.05 -12.02
C ALA A 63 -6.00 4.42 -12.82
N VAL A 64 -4.76 4.87 -12.60
CA VAL A 64 -3.64 4.31 -13.35
C VAL A 64 -3.28 2.91 -12.88
N SER A 65 -3.80 2.56 -11.72
CA SER A 65 -3.47 1.31 -11.10
C SER A 65 -4.60 0.77 -10.26
N ARG A 66 -4.54 -0.52 -9.98
CA ARG A 66 -5.38 -1.03 -8.91
C ARG A 66 -4.99 -0.44 -7.54
N GLY A 67 -3.95 0.39 -7.48
CA GLY A 67 -3.53 1.01 -6.24
C GLY A 67 -4.57 1.94 -5.62
N SER A 68 -5.35 2.59 -6.46
CA SER A 68 -6.33 3.55 -5.97
C SER A 68 -7.42 2.86 -5.18
N ALA A 69 -8.00 1.81 -5.77
CA ALA A 69 -8.98 0.95 -5.10
C ALA A 69 -8.44 0.53 -3.73
N LYS A 70 -7.14 0.22 -3.71
CA LYS A 70 -6.48 -0.21 -2.50
C LYS A 70 -6.46 0.89 -1.44
N LEU A 71 -6.22 2.13 -1.86
CA LEU A 71 -6.18 3.21 -0.90
C LEU A 71 -7.60 3.57 -0.44
N ARG A 72 -8.54 3.60 -1.38
CA ARG A 72 -9.94 3.94 -1.12
C ARG A 72 -10.50 3.13 0.03
N TRP A 73 -10.10 1.86 0.10
CA TRP A 73 -10.54 0.99 1.17
C TRP A 73 -10.22 1.56 2.56
N PHE A 74 -9.00 2.07 2.72
CA PHE A 74 -8.56 2.62 3.99
C PHE A 74 -9.31 3.91 4.32
N VAL A 75 -9.47 4.77 3.32
CA VAL A 75 -10.04 6.09 3.54
C VAL A 75 -11.55 6.02 3.72
N GLU A 76 -12.22 5.39 2.76
CA GLU A 76 -13.67 5.23 2.83
C GLU A 76 -14.10 4.66 4.17
N ARG A 77 -13.14 4.51 5.08
CA ARG A 77 -13.42 3.94 6.40
C ARG A 77 -12.85 4.83 7.50
N ASN A 78 -12.06 5.81 7.12
CA ASN A 78 -11.54 6.79 8.06
C ASN A 78 -10.38 6.25 8.89
N LEU A 79 -9.62 5.32 8.30
CA LEU A 79 -8.38 4.83 8.92
C LEU A 79 -7.18 5.70 8.55
N VAL A 80 -7.28 6.42 7.43
CA VAL A 80 -6.36 7.51 7.07
C VAL A 80 -7.23 8.63 6.53
N THR A 81 -6.91 9.87 6.87
CA THR A 81 -7.63 11.00 6.32
C THR A 81 -6.66 11.99 5.70
N PRO A 82 -6.24 11.73 4.46
CA PRO A 82 -5.22 12.61 3.84
C PRO A 82 -5.68 14.09 3.87
N GLU A 83 -4.71 15.02 3.91
CA GLU A 83 -4.99 16.45 4.12
C GLU A 83 -3.75 17.33 4.01
N GLY A 84 -3.93 18.55 3.51
CA GLY A 84 -2.83 19.49 3.36
C GLY A 84 -1.74 18.98 2.44
N LYS A 85 -0.51 18.95 2.92
CA LYS A 85 0.61 18.49 2.11
C LYS A 85 0.87 17.03 2.36
N VAL A 86 0.62 16.26 1.29
CA VAL A 86 0.74 14.79 1.24
C VAL A 86 2.00 14.39 0.46
N VAL A 87 2.83 13.54 1.08
CA VAL A 87 4.01 12.94 0.43
C VAL A 87 3.74 11.46 0.20
N ASP A 88 3.86 11.03 -1.06
CA ASP A 88 3.69 9.65 -1.40
C ASP A 88 5.03 9.09 -1.84
N LEU A 89 5.63 8.30 -0.96
CA LEU A 89 6.94 7.72 -1.25
C LEU A 89 6.86 6.38 -1.98
N GLY A 90 7.49 6.30 -3.16
CA GLY A 90 7.40 5.09 -4.00
C GLY A 90 6.05 5.01 -4.70
N CYS A 91 5.71 6.07 -5.42
CA CYS A 91 4.37 6.23 -5.98
C CYS A 91 4.12 5.54 -7.33
N GLY A 92 5.17 4.98 -7.94
CA GLY A 92 5.04 4.22 -9.18
C GLY A 92 4.32 5.00 -10.25
N ARG A 93 3.28 4.42 -10.84
CA ARG A 93 2.47 5.10 -11.84
C ARG A 93 1.68 6.31 -11.28
N GLY A 94 1.37 6.29 -9.98
CA GLY A 94 0.73 7.42 -9.33
C GLY A 94 -0.63 7.16 -8.70
N GLY A 95 -0.97 5.88 -8.54
CA GLY A 95 -2.30 5.44 -8.15
C GLY A 95 -2.84 5.98 -6.84
N TRP A 96 -1.95 6.24 -5.88
CA TRP A 96 -2.37 6.77 -4.58
C TRP A 96 -2.44 8.26 -4.66
N SER A 97 -1.47 8.83 -5.38
CA SER A 97 -1.34 10.28 -5.47
C SER A 97 -2.57 10.85 -6.18
N TYR A 98 -2.85 10.38 -7.39
CA TYR A 98 -4.02 10.83 -8.14
C TYR A 98 -5.28 10.62 -7.32
N TYR A 99 -5.30 9.56 -6.53
CA TYR A 99 -6.45 9.33 -5.70
C TYR A 99 -6.60 10.43 -4.65
N CYS A 100 -5.52 10.79 -3.94
CA CYS A 100 -5.62 11.82 -2.91
C CYS A 100 -5.88 13.20 -3.51
N GLY A 101 -5.53 13.35 -4.78
CA GLY A 101 -5.56 14.64 -5.41
C GLY A 101 -6.95 15.23 -5.45
N GLY A 102 -7.96 14.35 -5.42
CA GLY A 102 -9.36 14.80 -5.41
C GLY A 102 -10.11 14.75 -4.07
N LEU A 103 -9.42 14.46 -2.97
CA LEU A 103 -10.07 14.39 -1.67
C LEU A 103 -10.29 15.77 -1.09
N LYS A 104 -11.41 15.96 -0.39
CA LYS A 104 -11.89 17.30 -0.01
C LYS A 104 -10.80 18.15 0.64
N ASN A 105 -10.12 17.61 1.65
CA ASN A 105 -9.19 18.42 2.45
C ASN A 105 -7.76 18.58 1.91
N VAL A 106 -7.37 17.69 0.98
CA VAL A 106 -5.98 17.64 0.48
C VAL A 106 -5.63 18.90 -0.31
N ARG A 107 -4.49 19.49 0.03
CA ARG A 107 -4.02 20.72 -0.63
C ARG A 107 -2.93 20.48 -1.68
N GLU A 108 -2.05 19.52 -1.40
CA GLU A 108 -0.88 19.32 -2.23
C GLU A 108 -0.40 17.90 -2.14
N VAL A 109 -0.13 17.28 -3.29
CA VAL A 109 0.42 15.93 -3.34
C VAL A 109 1.76 15.91 -4.06
N LYS A 110 2.81 15.49 -3.35
CA LYS A 110 4.09 15.21 -3.99
C LYS A 110 4.46 13.72 -3.94
N GLY A 111 4.68 13.13 -5.12
CA GLY A 111 5.06 11.71 -5.24
C GLY A 111 6.43 11.45 -5.85
N LEU A 112 7.19 10.54 -5.24
CA LEU A 112 8.57 10.24 -5.67
C LEU A 112 8.84 8.75 -5.91
N THR A 113 9.48 8.43 -7.05
CA THR A 113 9.92 7.05 -7.36
C THR A 113 11.20 6.90 -8.15
N LYS A 114 11.59 5.64 -8.31
CA LYS A 114 12.78 5.21 -9.02
C LYS A 114 12.66 5.38 -10.52
N GLY A 115 11.59 4.87 -11.10
CA GLY A 115 11.40 4.89 -12.57
C GLY A 115 12.54 4.23 -13.33
N GLY A 116 12.75 4.64 -14.58
CA GLY A 116 13.89 4.23 -15.37
C GLY A 116 13.70 2.83 -15.89
N PRO A 117 14.70 2.30 -16.62
CA PRO A 117 14.59 0.92 -17.12
C PRO A 117 14.27 -0.05 -15.99
N GLY A 118 13.29 -0.91 -16.20
CA GLY A 118 12.93 -1.93 -15.21
C GLY A 118 11.92 -1.52 -14.13
N HIS A 119 11.52 -0.26 -14.11
CA HIS A 119 10.46 0.17 -13.18
C HIS A 119 9.37 0.99 -13.82
N GLU A 120 8.24 1.07 -13.14
CA GLU A 120 7.09 1.83 -13.64
C GLU A 120 7.37 3.32 -13.58
N GLU A 121 7.09 4.04 -14.67
CA GLU A 121 7.17 5.51 -14.72
C GLU A 121 5.84 6.12 -14.32
N PRO A 122 5.86 7.33 -13.72
CA PRO A 122 4.60 8.06 -13.57
C PRO A 122 3.91 8.21 -14.92
N ILE A 123 2.58 8.21 -14.91
CA ILE A 123 1.78 8.34 -16.12
C ILE A 123 0.98 9.63 -15.94
N PRO A 124 1.13 10.58 -16.87
CA PRO A 124 0.39 11.85 -16.71
C PRO A 124 -1.10 11.65 -16.98
N MET A 125 -1.95 12.20 -16.09
CA MET A 125 -3.41 12.06 -16.16
C MET A 125 -4.13 13.36 -15.84
N SER A 126 -5.40 13.42 -16.21
CA SER A 126 -6.25 14.57 -15.93
C SER A 126 -7.47 14.18 -15.08
N THR A 127 -7.27 13.28 -14.11
CA THR A 127 -8.29 12.97 -13.10
C THR A 127 -8.51 14.21 -12.23
N TYR A 128 -9.58 14.21 -11.45
CA TYR A 128 -9.97 15.38 -10.66
C TYR A 128 -8.90 15.74 -9.64
N GLY A 129 -8.31 16.92 -9.78
CA GLY A 129 -7.27 17.39 -8.86
C GLY A 129 -5.87 17.10 -9.36
N TRP A 130 -5.74 16.92 -10.67
CA TRP A 130 -4.47 16.52 -11.24
C TRP A 130 -3.43 17.60 -11.11
N ASN A 131 -3.89 18.85 -11.12
CA ASN A 131 -3.00 19.98 -10.95
C ASN A 131 -2.42 20.05 -9.53
N LEU A 132 -3.06 19.44 -8.54
CA LEU A 132 -2.51 19.43 -7.18
C LEU A 132 -1.33 18.45 -7.00
N VAL A 133 -1.08 17.67 -8.04
CA VAL A 133 -0.29 16.47 -7.94
C VAL A 133 0.99 16.58 -8.75
N ARG A 134 2.12 16.27 -8.13
CA ARG A 134 3.40 16.39 -8.80
C ARG A 134 4.29 15.17 -8.59
N LEU A 135 4.67 14.55 -9.70
CA LEU A 135 5.38 13.27 -9.67
C LEU A 135 6.77 13.35 -10.31
N GLN A 136 7.78 12.83 -9.64
CA GLN A 136 9.09 12.67 -10.28
C GLN A 136 9.70 11.28 -10.13
N SER A 137 10.33 10.81 -11.21
CA SER A 137 11.12 9.59 -11.15
C SER A 137 12.60 9.89 -11.14
N GLY A 138 13.43 8.86 -11.22
CA GLY A 138 14.88 8.98 -10.99
C GLY A 138 15.30 9.30 -9.55
N VAL A 139 14.32 9.30 -8.61
CA VAL A 139 14.58 9.62 -7.21
C VAL A 139 14.78 8.37 -6.34
N ASP A 140 15.74 8.44 -5.45
CA ASP A 140 15.91 7.41 -4.45
C ASP A 140 15.59 8.03 -3.08
N VAL A 141 14.44 7.63 -2.55
CA VAL A 141 13.90 8.21 -1.32
C VAL A 141 14.80 8.00 -0.08
N PHE A 142 15.66 6.99 -0.10
CA PHE A 142 16.47 6.73 1.09
C PHE A 142 17.58 7.77 1.34
N PHE A 143 17.98 8.50 0.30
CA PHE A 143 19.03 9.49 0.41
C PHE A 143 18.58 10.83 -0.13
N ILE A 144 17.48 11.32 0.43
CA ILE A 144 16.99 12.68 0.20
C ILE A 144 16.48 13.24 1.51
N PRO A 145 16.68 14.55 1.75
CA PRO A 145 16.29 15.14 3.05
C PRO A 145 14.78 15.17 3.28
N PRO A 146 14.33 14.73 4.47
CA PRO A 146 12.91 14.80 4.81
C PRO A 146 12.37 16.25 4.73
N GLU A 147 11.10 16.40 4.38
CA GLU A 147 10.45 17.71 4.28
C GLU A 147 9.25 17.73 5.21
N ARG A 148 8.76 18.92 5.57
CA ARG A 148 7.53 19.00 6.35
C ARG A 148 6.31 18.44 5.59
N CYS A 149 5.33 17.92 6.34
CA CYS A 149 4.06 17.54 5.73
C CYS A 149 2.99 17.16 6.73
N ASP A 150 1.78 16.96 6.22
CA ASP A 150 0.63 16.66 7.07
C ASP A 150 0.21 15.20 7.00
N THR A 151 0.35 14.59 5.83
CA THR A 151 0.08 13.15 5.70
C THR A 151 1.23 12.45 4.98
N LEU A 152 1.71 11.35 5.56
CA LEU A 152 2.73 10.54 4.90
C LEU A 152 2.19 9.21 4.33
N LEU A 153 2.47 8.96 3.06
CA LEU A 153 2.13 7.67 2.44
C LEU A 153 3.38 6.95 1.97
N CYS A 154 3.35 5.62 2.02
CA CYS A 154 4.47 4.81 1.59
C CYS A 154 4.05 3.39 1.25
N ASP A 155 4.23 3.00 -0.02
CA ASP A 155 3.89 1.67 -0.51
C ASP A 155 5.14 0.90 -0.99
N ILE A 156 6.26 1.06 -0.28
CA ILE A 156 7.53 0.47 -0.68
C ILE A 156 7.79 -0.86 0.02
N GLY A 157 8.34 -1.83 -0.71
CA GLY A 157 8.78 -3.10 -0.16
C GLY A 157 8.81 -4.22 -1.18
N GLU A 158 10.01 -4.59 -1.63
CA GLU A 158 10.16 -5.64 -2.63
C GLU A 158 10.30 -7.01 -1.98
N SER A 159 9.30 -7.86 -2.17
CA SER A 159 9.27 -9.14 -1.48
C SER A 159 10.40 -10.10 -1.89
N SER A 160 10.65 -11.10 -1.04
CA SER A 160 11.75 -12.05 -1.19
C SER A 160 11.24 -13.42 -0.76
N PRO A 161 11.82 -14.49 -1.31
CA PRO A 161 11.59 -15.85 -0.79
C PRO A 161 12.04 -16.02 0.66
N ASN A 162 12.93 -15.14 1.11
CA ASN A 162 13.57 -15.24 2.42
C ASN A 162 13.10 -14.08 3.33
N PRO A 163 12.28 -14.42 4.33
CA PRO A 163 11.63 -13.51 5.25
C PRO A 163 12.59 -12.65 6.04
N THR A 164 13.86 -13.09 6.14
CA THR A 164 14.88 -12.33 6.88
C THR A 164 15.33 -11.14 6.04
N VAL A 165 15.40 -11.36 4.74
CA VAL A 165 15.69 -10.33 3.76
C VAL A 165 14.56 -9.28 3.82
N GLU A 166 13.34 -9.78 3.81
CA GLU A 166 12.13 -8.95 3.94
C GLU A 166 12.12 -8.08 5.19
N ALA A 167 12.59 -8.63 6.31
CA ALA A 167 12.68 -7.87 7.56
C ALA A 167 13.74 -6.76 7.48
N GLY A 168 14.85 -7.04 6.80
CA GLY A 168 15.84 -6.02 6.53
C GLY A 168 15.26 -4.91 5.69
N ARG A 169 14.60 -5.28 4.61
CA ARG A 169 13.98 -4.30 3.76
C ARG A 169 12.91 -3.48 4.45
N THR A 170 12.11 -4.11 5.32
CA THR A 170 10.99 -3.43 5.99
C THR A 170 11.49 -2.46 7.07
N LEU A 171 12.55 -2.86 7.78
CA LEU A 171 13.15 -2.03 8.81
C LEU A 171 13.82 -0.78 8.23
N ARG A 172 14.28 -0.87 6.99
CA ARG A 172 14.73 0.31 6.26
C ARG A 172 13.56 1.27 6.00
N VAL A 173 12.46 0.73 5.50
CA VAL A 173 11.24 1.52 5.28
C VAL A 173 10.76 2.15 6.59
N LEU A 174 10.86 1.43 7.70
CA LEU A 174 10.40 1.96 8.98
C LEU A 174 11.28 3.09 9.47
N ASN A 175 12.58 2.87 9.42
CA ASN A 175 13.49 3.95 9.81
C ASN A 175 13.33 5.16 8.90
N LEU A 176 12.96 4.91 7.65
CA LEU A 176 12.77 5.96 6.67
C LEU A 176 11.60 6.83 7.08
N VAL A 177 10.46 6.22 7.36
CA VAL A 177 9.23 6.99 7.57
C VAL A 177 9.27 7.76 8.88
N GLU A 178 9.96 7.19 9.87
CA GLU A 178 10.16 7.83 11.16
C GLU A 178 10.71 9.24 10.97
N ASN A 179 11.81 9.35 10.23
CA ASN A 179 12.43 10.61 9.88
C ASN A 179 11.51 11.63 9.25
N TRP A 180 10.38 11.16 8.71
CA TRP A 180 9.45 12.04 8.01
C TRP A 180 8.26 12.41 8.90
N LEU A 181 8.15 11.73 10.04
CA LEU A 181 6.96 11.84 10.88
C LEU A 181 7.14 12.91 11.96
N SER A 182 6.12 13.72 12.15
CA SER A 182 6.23 14.93 12.96
C SER A 182 5.67 14.71 14.36
N ASN A 183 4.35 14.73 14.48
CA ASN A 183 3.69 15.12 15.72
C ASN A 183 2.29 14.54 15.85
N ASN A 184 1.34 15.15 15.15
CA ASN A 184 0.08 14.49 14.86
C ASN A 184 -0.15 14.58 13.35
N THR A 185 0.61 13.77 12.60
CA THR A 185 0.46 13.66 11.16
C THR A 185 -0.25 12.36 10.74
N GLN A 186 -1.05 12.47 9.68
CA GLN A 186 -1.77 11.34 9.10
C GLN A 186 -0.84 10.42 8.34
N PHE A 187 -1.12 9.13 8.36
CA PHE A 187 -0.25 8.18 7.67
C PHE A 187 -0.87 6.79 7.31
N CYS A 188 -0.34 6.20 6.25
CA CYS A 188 -0.68 4.84 5.79
C CYS A 188 0.59 4.32 5.14
N VAL A 189 1.18 3.30 5.73
CA VAL A 189 2.53 2.85 5.37
C VAL A 189 2.53 1.34 5.26
N LYS A 190 2.90 0.83 4.09
CA LYS A 190 2.99 -0.61 3.87
C LYS A 190 4.06 -1.20 4.78
N VAL A 191 3.74 -2.30 5.44
CA VAL A 191 4.73 -3.06 6.19
C VAL A 191 4.98 -4.43 5.57
N LEU A 192 5.87 -4.46 4.59
CA LEU A 192 6.02 -5.64 3.73
C LEU A 192 5.98 -6.92 4.55
N ASN A 193 6.75 -6.95 5.63
CA ASN A 193 6.74 -8.08 6.55
C ASN A 193 6.54 -7.66 8.00
N PRO A 194 5.35 -7.95 8.52
CA PRO A 194 5.01 -7.56 9.88
C PRO A 194 5.18 -8.67 10.91
N TYR A 195 5.53 -9.88 10.50
CA TYR A 195 5.53 -10.95 11.47
C TYR A 195 6.90 -11.24 12.07
N MET A 196 7.98 -10.87 11.40
CA MET A 196 9.33 -11.10 11.95
C MET A 196 9.56 -10.35 13.26
N SER A 197 9.99 -11.10 14.27
CA SER A 197 10.31 -10.59 15.59
C SER A 197 10.94 -9.18 15.67
N SER A 198 11.98 -8.92 14.87
CA SER A 198 12.58 -7.57 14.79
C SER A 198 11.64 -6.45 14.32
N VAL A 199 10.71 -6.77 13.40
CA VAL A 199 9.78 -5.74 12.94
C VAL A 199 8.76 -5.41 14.04
N ILE A 200 8.18 -6.44 14.66
CA ILE A 200 7.26 -6.28 15.80
C ILE A 200 7.81 -5.24 16.79
N GLU A 201 9.06 -5.45 17.18
CA GLU A 201 9.74 -4.57 18.10
C GLU A 201 9.75 -3.12 17.63
N LYS A 202 10.27 -2.89 16.45
CA LYS A 202 10.30 -1.55 15.88
C LYS A 202 8.88 -0.97 15.82
N MET A 203 7.91 -1.80 15.40
CA MET A 203 6.52 -1.34 15.34
C MET A 203 5.92 -0.91 16.71
N GLU A 204 6.28 -1.64 17.78
CA GLU A 204 5.83 -1.33 19.14
C GLU A 204 6.39 0.03 19.60
N ALA A 205 7.70 0.21 19.47
CA ALA A 205 8.36 1.49 19.77
C ALA A 205 7.71 2.63 18.99
N LEU A 206 7.41 2.35 17.72
CA LEU A 206 6.81 3.34 16.84
C LEU A 206 5.36 3.67 17.22
N GLN A 207 4.61 2.65 17.63
CA GLN A 207 3.23 2.83 18.09
C GLN A 207 3.16 3.71 19.35
N ARG A 208 4.05 3.44 20.32
CA ARG A 208 4.15 4.27 21.54
C ARG A 208 4.40 5.73 21.23
N LYS A 209 5.23 6.00 20.23
CA LYS A 209 5.61 7.36 19.85
C LYS A 209 4.68 8.08 18.83
N HIS A 210 3.91 7.34 18.02
CA HIS A 210 3.02 7.99 17.02
C HIS A 210 1.57 7.47 16.93
N GLY A 211 1.27 6.39 17.65
CA GLY A 211 -0.06 5.80 17.64
C GLY A 211 -0.31 4.86 16.46
N GLY A 212 -1.58 4.79 16.05
CA GLY A 212 -2.06 3.95 14.94
C GLY A 212 -2.00 2.47 15.24
N ALA A 213 -2.29 1.66 14.22
CA ALA A 213 -2.09 0.21 14.28
C ALA A 213 -1.98 -0.37 12.87
N LEU A 214 -1.80 -1.69 12.82
CA LEU A 214 -1.71 -2.44 11.57
C LEU A 214 -3.08 -2.98 11.17
N VAL A 215 -3.45 -2.87 9.89
CA VAL A 215 -4.75 -3.34 9.39
C VAL A 215 -4.56 -4.13 8.09
N ARG A 216 -5.30 -5.24 7.91
CA ARG A 216 -5.22 -6.04 6.66
C ARG A 216 -6.21 -5.63 5.60
N ASN A 217 -5.72 -5.28 4.43
CA ASN A 217 -6.57 -4.89 3.32
C ASN A 217 -7.11 -6.11 2.58
N PRO A 218 -8.43 -6.22 2.39
CA PRO A 218 -8.90 -7.42 1.70
C PRO A 218 -8.57 -7.49 0.19
N LEU A 219 -8.11 -6.41 -0.44
CA LEU A 219 -7.63 -6.52 -1.81
C LEU A 219 -6.22 -7.15 -1.90
N SER A 220 -5.54 -7.31 -0.77
CA SER A 220 -4.22 -7.88 -0.80
C SER A 220 -4.33 -9.34 -1.24
N ARG A 221 -3.28 -9.83 -1.91
CA ARG A 221 -3.27 -11.24 -2.33
C ARG A 221 -2.75 -12.13 -1.24
N ASN A 222 -3.20 -13.40 -1.28
CA ASN A 222 -2.88 -14.37 -0.25
C ASN A 222 -1.40 -14.74 -0.30
N SER A 223 -0.73 -14.36 -1.38
CA SER A 223 0.71 -14.62 -1.53
C SER A 223 1.60 -13.63 -0.79
N THR A 224 0.99 -12.61 -0.17
CA THR A 224 1.71 -11.64 0.68
C THR A 224 1.04 -11.43 2.03
N HIS A 225 1.84 -11.20 3.08
CA HIS A 225 1.33 -11.03 4.45
C HIS A 225 1.30 -9.56 4.84
N GLU A 226 1.32 -8.67 3.83
CA GLU A 226 1.50 -7.24 4.06
C GLU A 226 0.37 -6.64 4.90
N MET A 227 0.72 -5.73 5.78
CA MET A 227 -0.27 -5.00 6.53
C MET A 227 0.19 -3.56 6.56
N TYR A 228 -0.78 -2.65 6.60
CA TYR A 228 -0.51 -1.23 6.54
C TYR A 228 -0.66 -0.59 7.92
N TRP A 229 0.35 0.18 8.31
CA TRP A 229 0.29 0.98 9.51
C TRP A 229 -0.55 2.19 9.15
N VAL A 230 -1.77 2.25 9.67
CA VAL A 230 -2.64 3.41 9.45
C VAL A 230 -2.79 4.24 10.75
N SER A 231 -2.97 5.55 10.63
CA SER A 231 -2.90 6.43 11.81
C SER A 231 -4.12 6.41 12.77
N ASN A 232 -5.34 6.43 12.25
CA ASN A 232 -6.55 6.41 13.10
C ASN A 232 -7.08 5.00 13.48
N ALA A 233 -6.23 4.17 14.08
CA ALA A 233 -6.69 2.86 14.52
C ALA A 233 -5.88 2.45 15.75
N SER A 234 -6.41 1.51 16.52
CA SER A 234 -5.66 0.97 17.65
C SER A 234 -5.81 -0.54 17.66
N GLY A 235 -5.17 -1.18 18.63
CA GLY A 235 -5.03 -2.61 18.63
C GLY A 235 -3.61 -3.01 18.95
N ASN A 236 -3.50 -4.12 19.64
CA ASN A 236 -2.22 -4.68 19.99
C ASN A 236 -1.47 -5.13 18.70
N ILE A 237 -0.20 -4.73 18.55
CA ILE A 237 0.64 -5.22 17.44
C ILE A 237 0.66 -6.75 17.31
N VAL A 238 1.03 -7.46 18.38
CA VAL A 238 1.10 -8.91 18.32
C VAL A 238 -0.22 -9.59 17.86
N SER A 239 -1.37 -9.12 18.35
CA SER A 239 -2.65 -9.76 18.01
C SER A 239 -3.07 -9.51 16.59
N SER A 240 -2.95 -8.25 16.17
CA SER A 240 -3.37 -7.86 14.82
C SER A 240 -2.63 -8.70 13.78
N VAL A 241 -1.36 -9.03 14.08
CA VAL A 241 -0.51 -9.80 13.18
C VAL A 241 -0.91 -11.29 13.17
N ASN A 242 -0.99 -11.91 14.34
CA ASN A 242 -1.35 -13.33 14.43
C ASN A 242 -2.73 -13.60 13.84
N MET A 243 -3.66 -12.67 14.03
CA MET A 243 -4.96 -12.81 13.40
C MET A 243 -4.85 -13.13 11.90
N ILE A 244 -3.93 -12.43 11.22
CA ILE A 244 -3.82 -12.48 9.77
C ILE A 244 -3.01 -13.67 9.32
N SER A 245 -2.08 -14.14 10.16
CA SER A 245 -1.38 -15.39 9.86
C SER A 245 -2.37 -16.55 9.87
N ARG A 246 -3.23 -16.61 10.88
CA ARG A 246 -4.22 -17.69 11.00
C ARG A 246 -5.16 -17.63 9.80
N MET A 247 -5.56 -16.43 9.41
CA MET A 247 -6.39 -16.31 8.22
C MET A 247 -5.72 -16.95 7.02
N LEU A 248 -4.52 -16.49 6.67
CA LEU A 248 -3.85 -16.97 5.47
C LEU A 248 -3.63 -18.50 5.46
N ILE A 249 -3.34 -19.06 6.63
CA ILE A 249 -3.27 -20.51 6.82
C ILE A 249 -4.64 -21.15 6.60
N ASN A 250 -5.71 -20.53 7.11
CA ASN A 250 -7.04 -21.08 6.85
C ASN A 250 -7.36 -21.12 5.37
N ARG A 251 -6.75 -20.20 4.63
CA ARG A 251 -7.08 -20.03 3.25
C ARG A 251 -6.45 -21.09 2.34
N PHE A 252 -5.44 -21.80 2.85
CA PHE A 252 -4.82 -22.90 2.11
C PHE A 252 -5.83 -23.97 1.67
N THR A 253 -6.70 -24.41 2.58
CA THR A 253 -7.64 -25.48 2.24
C THR A 253 -9.03 -24.98 1.84
N MET A 254 -9.09 -23.95 1.02
CA MET A 254 -10.37 -23.30 0.79
C MET A 254 -11.25 -23.94 -0.28
N ARG A 255 -12.56 -23.73 -0.12
CA ARG A 255 -13.62 -24.48 -0.81
C ARG A 255 -14.61 -23.60 -1.62
N HIS A 256 -14.14 -22.45 -2.10
CA HIS A 256 -14.89 -21.69 -3.11
C HIS A 256 -13.87 -21.11 -4.08
N LYS A 257 -12.61 -21.09 -3.65
CA LYS A 257 -11.46 -20.93 -4.55
C LYS A 257 -11.53 -19.82 -5.62
N LYS A 258 -12.50 -18.90 -5.50
CA LYS A 258 -12.73 -17.83 -6.48
C LYS A 258 -12.55 -16.45 -5.86
N ALA A 259 -11.99 -15.52 -6.64
CA ALA A 259 -12.00 -14.12 -6.27
C ALA A 259 -13.41 -13.57 -6.49
N THR A 260 -13.72 -12.46 -5.83
CA THR A 260 -15.00 -11.78 -5.96
C THR A 260 -14.75 -10.33 -6.33
N TYR A 261 -15.42 -9.86 -7.37
CA TYR A 261 -15.07 -8.58 -8.01
C TYR A 261 -15.91 -7.41 -7.54
N GLU A 262 -15.32 -6.23 -7.66
CA GLU A 262 -15.99 -4.99 -7.36
C GLU A 262 -15.55 -3.90 -8.32
N PRO A 263 -16.40 -2.87 -8.52
CA PRO A 263 -16.16 -1.87 -9.54
C PRO A 263 -14.96 -1.02 -9.22
N ASP A 264 -14.40 -0.41 -10.25
CA ASP A 264 -13.26 0.43 -10.06
C ASP A 264 -13.70 1.80 -9.53
N VAL A 265 -12.73 2.65 -9.21
CA VAL A 265 -13.00 4.01 -8.80
C VAL A 265 -13.09 4.90 -10.04
N ASP A 266 -14.09 5.75 -10.07
CA ASP A 266 -14.10 6.85 -11.00
C ASP A 266 -13.45 8.04 -10.30
N LEU A 267 -12.46 8.64 -10.95
CA LEU A 267 -11.68 9.71 -10.33
C LEU A 267 -11.98 11.13 -10.87
N GLY A 268 -13.10 11.24 -11.57
CA GLY A 268 -13.56 12.51 -12.15
C GLY A 268 -12.67 13.04 -13.26
N SER A 269 -12.74 14.34 -13.49
CA SER A 269 -11.84 15.03 -14.39
C SER A 269 -11.64 16.42 -13.88
N GLY A 270 -10.72 17.17 -14.48
CA GLY A 270 -10.60 18.60 -14.19
C GLY A 270 -9.81 19.08 -12.98
N THR A 271 -9.52 20.38 -13.00
CA THR A 271 -8.60 21.02 -12.06
C THR A 271 -9.33 21.39 -10.75
N ARG A 272 -8.60 21.63 -9.66
CA ARG A 272 -9.30 21.81 -8.37
C ARG A 272 -9.44 23.21 -7.77
N ASN A 273 -8.31 23.93 -7.69
CA ASN A 273 -8.25 25.26 -7.07
C ASN A 273 -7.41 25.29 -5.79
S SO4 B . -15.47 -4.83 3.06
O1 SO4 B . -14.63 -4.59 4.24
O2 SO4 B . -16.33 -3.69 2.72
O3 SO4 B . -16.35 -5.99 3.28
O4 SO4 B . -14.55 -5.05 1.94
S SO4 C . -3.29 -2.67 -13.12
O1 SO4 C . -2.91 -2.12 -11.81
O2 SO4 C . -4.53 -3.42 -13.00
O3 SO4 C . -2.25 -3.56 -13.60
O4 SO4 C . -3.57 -1.63 -14.10
S SO4 D . 17.31 -1.00 -9.37
O1 SO4 D . 17.49 0.46 -9.45
O2 SO4 D . 16.21 -1.44 -10.23
O3 SO4 D . 16.94 -1.32 -7.97
O4 SO4 D . 18.53 -1.74 -9.80
S SO4 E . 11.49 -2.57 -5.85
O1 SO4 E . 11.63 -1.32 -6.59
O2 SO4 E . 11.22 -3.67 -6.79
O3 SO4 E . 10.35 -2.47 -4.91
O4 SO4 E . 12.73 -2.81 -5.12
S SO4 F . 7.97 -1.58 -10.38
O1 SO4 F . 7.78 -0.14 -10.51
O2 SO4 F . 7.35 -2.28 -11.52
O3 SO4 F . 7.37 -2.00 -9.11
O4 SO4 F . 9.39 -1.92 -10.38
S SO4 G . -2.75 -13.57 19.62
O1 SO4 G . -3.65 -13.03 20.63
O2 SO4 G . -3.30 -13.20 18.30
O3 SO4 G . -2.68 -15.03 19.74
O4 SO4 G . -1.42 -13.00 19.80
S SO4 H . 0.37 -8.47 -5.46
O1 SO4 H . -0.58 -7.34 -5.37
O2 SO4 H . -0.13 -9.51 -6.37
O3 SO4 H . 0.59 -9.09 -4.14
O4 SO4 H . 1.64 -7.96 -5.97
S SO4 I . 11.02 21.86 4.60
O1 SO4 I . 12.09 20.84 4.57
O2 SO4 I . 11.40 23.00 3.77
O3 SO4 I . 10.85 22.30 6.00
O4 SO4 I . 9.77 21.29 4.11
S SO4 J . -1.79 -10.92 -11.33
O1 SO4 J . -1.13 -9.67 -11.70
O2 SO4 J . -0.87 -12.06 -11.46
O3 SO4 J . -2.96 -11.16 -12.16
O4 SO4 J . -2.20 -10.79 -9.93
N SAH K . 1.10 2.83 -4.59
CA SAH K . 1.48 2.64 -6.02
CB SAH K . 2.27 1.35 -6.21
CG SAH K . 3.74 1.71 -6.43
SD SAH K . 4.81 0.30 -6.03
C SAH K . 0.29 2.72 -6.97
O SAH K . -0.81 2.97 -6.49
OXT SAH K . 0.38 2.57 -8.18
C5' SAH K . 6.11 1.16 -5.10
C4' SAH K . 7.09 1.83 -6.04
O4' SAH K . 8.13 2.44 -5.31
C3' SAH K . 7.73 0.84 -7.01
O3' SAH K . 7.32 1.14 -8.34
C2' SAH K . 9.23 1.05 -6.84
O2' SAH K . 9.90 1.18 -8.06
C1' SAH K . 9.34 2.32 -6.02
N9 SAH K . 10.55 2.25 -5.16
C8 SAH K . 11.10 1.12 -4.60
N7 SAH K . 12.21 1.46 -3.92
C5 SAH K . 12.38 2.81 -4.02
C6 SAH K . 13.34 3.69 -3.52
N6 SAH K . 14.34 3.27 -2.77
N1 SAH K . 13.24 5.04 -3.80
C2 SAH K . 12.20 5.50 -4.59
N3 SAH K . 11.25 4.63 -5.08
C4 SAH K . 11.33 3.31 -4.80
C1 CIT L . 16.52 -0.59 -0.45
O1 CIT L . 16.80 -1.79 -0.64
O2 CIT L . 15.38 -0.29 -0.08
C2 CIT L . 17.54 0.52 -0.64
C3 CIT L . 18.02 0.66 -2.09
O7 CIT L . 19.20 -0.15 -2.30
C4 CIT L . 18.34 2.12 -2.38
C5 CIT L . 19.26 2.75 -1.36
O3 CIT L . 20.13 2.11 -0.75
O4 CIT L . 19.15 3.95 -1.11
C6 CIT L . 16.98 0.21 -3.10
O5 CIT L . 15.82 0.69 -3.06
O6 CIT L . 17.26 -0.63 -3.98
N2 GTA M . 5.53 -21.78 -4.02
O6 GTA M . 5.66 -19.95 -8.30
C6 GTA M . 5.72 -19.81 -7.05
C5 GTA M . 5.89 -18.52 -6.51
N7 GTA M . 6.03 -17.27 -7.03
C7 GTA M . 5.95 -16.72 -8.38
C8 GTA M . 6.16 -16.45 -5.96
N9 GTA M . 6.10 -17.13 -4.79
C4 GTA M . 5.93 -18.41 -5.12
N3 GTA M . 5.80 -19.50 -4.35
C2 GTA M . 5.65 -20.72 -4.88
N1 GTA M . 5.61 -20.89 -6.23
O3A GTA M . 8.13 -14.48 -1.49
C1A GTA M . 6.15 -16.68 -3.36
C2A GTA M . 7.51 -16.27 -2.86
C3A GTA M . 7.48 -14.78 -2.72
C4A GTA M . 6.01 -14.44 -2.59
C5A GTA M . 5.69 -13.21 -3.40
O4A GTA M . 5.28 -15.58 -3.07
O2A GTA M . 7.65 -16.84 -1.55
P1 GTA M . 4.79 -12.80 -5.88
O11 GTA M . 4.03 -11.69 -5.19
O12 GTA M . 4.08 -13.68 -6.91
O13 GTA M . 6.11 -12.24 -6.58
O15 GTA M . 5.54 -13.65 -4.74
P2 GTA M . 6.64 -10.71 -6.46
O22 GTA M . 7.92 -10.68 -5.65
O21 GTA M . 5.43 -9.87 -6.13
O23 GTA M . 7.11 -10.41 -8.00
P3 GTA M . 7.63 -11.54 -9.04
O32 GTA M . 8.34 -10.79 -10.15
O31 GTA M . 6.49 -12.51 -9.41
O33 GTA M . 8.79 -12.33 -8.25
C5B GTA M . 8.64 -13.72 -8.07
C4B GTA M . 9.47 -14.08 -6.88
O4B GTA M . 9.05 -15.38 -6.42
C3B GTA M . 10.92 -14.18 -7.32
O3B GTA M . 11.77 -13.61 -6.32
C2B GTA M . 11.14 -15.68 -7.44
O2B GTA M . 12.51 -16.06 -7.15
C1B GTA M . 10.17 -16.24 -6.41
N9C GTA M . 9.73 -17.58 -6.81
C8C GTA M . 9.45 -17.98 -8.07
N7C GTA M . 9.09 -19.27 -8.04
C5C GTA M . 9.18 -19.65 -6.76
C6C GTA M . 8.91 -20.90 -6.22
N6C GTA M . 8.53 -21.82 -6.98
N1C GTA M . 9.06 -21.07 -4.90
C2C GTA M . 9.46 -20.03 -4.13
N3C GTA M . 9.72 -18.79 -4.64
C4C GTA M . 9.58 -18.60 -5.97
#